data_4ARR
#
_entry.id   4ARR
#
_cell.length_a   87.643
_cell.length_b   87.643
_cell.length_c   220.741
_cell.angle_alpha   90.00
_cell.angle_beta   90.00
_cell.angle_gamma   90.00
#
_symmetry.space_group_name_H-M   'P 43 21 2'
#
loop_
_entity.id
_entity.type
_entity.pdbx_description
1 polymer 'TOLL RECEPTOR, VARIABLE LYMPHOCYTE RECEPTOR B.61 CHIMERA'
2 non-polymer 2-acetamido-2-deoxy-beta-D-glucopyranose
3 non-polymer '5-amino-2,4,6-triiodobenzene-1,3-dicarboxylic acid'
#
_entity_poly.entity_id   1
_entity_poly.type   'polypeptide(L)'
_entity_poly.pdbx_seq_one_letter_code
;SFGRDACSEMSIDGLCQCAPIMSEYEIICPANAENPTFRLTIQPKDYVQIMCNLTDTTDYQQLPKKLRIGEVDRVQMRRC
MLPGHTPIASILDYLGIVSPTTLIFESDNLGMNITRQHLDRLHGLKRFRFTTRRLTHIPANLLTDMRNLSHLELRANIEE
MPSHLFDDLENLESIEFGSNKLRQMPRGIFGKMPKLKQLNLASNQLKSVPDGIFDRLTSLQKIWLHTNPWDCSCPRIDYL
SRWLNKNSQKEQGSAKCSGSGKPVRSIICPTTGENLYFQ
;
_entity_poly.pdbx_strand_id   A,B
#
# COMPACT_ATOMS: atom_id res chain seq x y z
N SER A 1 30.40 -5.74 -1.89
CA SER A 1 29.19 -5.55 -1.08
C SER A 1 29.34 -4.40 -0.10
N PHE A 2 28.24 -3.64 0.10
CA PHE A 2 28.18 -2.49 1.00
C PHE A 2 27.92 -2.94 2.45
N GLY A 3 28.77 -2.47 3.37
CA GLY A 3 28.68 -2.79 4.78
C GLY A 3 28.93 -1.63 5.71
N ARG A 4 29.24 -1.92 6.99
CA ARG A 4 29.52 -0.93 8.04
C ARG A 4 30.79 -0.14 7.74
N ASP A 5 31.82 -0.79 7.17
CA ASP A 5 33.09 -0.15 6.80
C ASP A 5 32.87 0.83 5.64
N ALA A 6 32.10 0.40 4.62
CA ALA A 6 31.76 1.21 3.44
C ALA A 6 30.93 2.44 3.83
N CYS A 7 30.07 2.27 4.85
CA CYS A 7 29.21 3.31 5.43
C CYS A 7 30.04 4.33 6.20
N SER A 8 31.08 3.86 6.93
CA SER A 8 31.99 4.69 7.72
C SER A 8 32.87 5.60 6.85
N GLU A 9 33.37 5.07 5.72
CA GLU A 9 34.26 5.78 4.77
C GLU A 9 33.57 7.03 4.17
N MET A 10 32.27 6.93 3.84
CA MET A 10 31.46 8.01 3.25
C MET A 10 31.38 9.26 4.14
N SER A 11 31.29 9.09 5.47
CA SER A 11 31.17 10.16 6.45
C SER A 11 32.51 10.88 6.75
N ILE A 12 33.54 10.68 5.89
CA ILE A 12 34.86 11.28 6.05
C ILE A 12 35.09 12.33 4.94
N ASP A 13 34.82 11.97 3.67
CA ASP A 13 34.98 12.89 2.53
C ASP A 13 33.93 14.02 2.55
N GLY A 14 32.71 13.68 2.97
CA GLY A 14 31.60 14.63 3.10
C GLY A 14 30.65 14.75 1.92
N LEU A 15 30.88 13.97 0.83
CA LEU A 15 30.03 13.98 -0.37
C LEU A 15 28.62 13.49 -0.04
N CYS A 16 28.52 12.33 0.62
CA CYS A 16 27.27 11.70 1.07
C CYS A 16 27.48 11.14 2.47
N GLN A 17 26.50 11.32 3.37
CA GLN A 17 26.60 10.81 4.73
C GLN A 17 25.82 9.51 4.87
N CYS A 18 26.42 8.54 5.56
CA CYS A 18 25.80 7.25 5.80
C CYS A 18 25.65 7.02 7.30
N ALA A 19 24.53 6.40 7.69
CA ALA A 19 24.24 6.12 9.09
C ALA A 19 23.72 4.69 9.26
N PRO A 20 24.38 3.83 10.08
CA PRO A 20 23.86 2.47 10.29
C PRO A 20 22.65 2.52 11.22
N ILE A 21 21.46 2.44 10.61
CA ILE A 21 20.19 2.52 11.31
C ILE A 21 19.52 1.14 11.32
N MET A 22 19.25 0.62 12.53
CA MET A 22 18.68 -0.70 12.83
C MET A 22 19.57 -1.80 12.23
N SER A 23 19.18 -2.36 11.08
CA SER A 23 19.92 -3.42 10.38
C SER A 23 20.25 -3.00 8.94
N GLU A 24 19.88 -1.76 8.57
CA GLU A 24 20.11 -1.20 7.24
C GLU A 24 20.98 0.07 7.33
N TYR A 25 21.09 0.83 6.21
CA TYR A 25 21.91 2.02 6.13
C TYR A 25 21.16 3.14 5.42
N GLU A 26 21.14 4.34 6.02
CA GLU A 26 20.50 5.52 5.46
C GLU A 26 21.57 6.46 4.91
N ILE A 27 21.53 6.68 3.58
CA ILE A 27 22.48 7.53 2.86
C ILE A 27 21.75 8.81 2.42
N ILE A 28 22.31 9.98 2.79
CA ILE A 28 21.76 11.29 2.45
C ILE A 28 22.73 11.97 1.48
N CYS A 29 22.23 12.32 0.27
CA CYS A 29 23.00 12.97 -0.79
C CYS A 29 22.30 14.23 -1.27
N PRO A 30 22.97 15.40 -1.24
CA PRO A 30 24.31 15.64 -0.69
C PRO A 30 24.28 15.64 0.83
N ALA A 31 25.39 15.28 1.47
CA ALA A 31 25.48 15.29 2.93
C ALA A 31 25.37 16.71 3.42
N ASN A 32 24.75 16.91 4.60
CA ASN A 32 24.55 18.20 5.27
C ASN A 32 23.40 19.03 4.65
N ALA A 33 22.76 18.52 3.58
CA ALA A 33 21.65 19.20 2.92
C ALA A 33 20.36 19.05 3.70
N GLU A 34 19.55 20.12 3.74
CA GLU A 34 18.25 20.17 4.40
C GLU A 34 17.29 19.28 3.61
N ASN A 35 17.20 19.53 2.30
CA ASN A 35 16.39 18.77 1.36
C ASN A 35 17.35 18.03 0.44
N PRO A 36 17.69 16.75 0.75
CA PRO A 36 18.67 16.04 -0.09
C PRO A 36 18.09 15.58 -1.43
N THR A 37 18.96 15.54 -2.44
CA THR A 37 18.65 15.09 -3.80
C THR A 37 18.34 13.59 -3.76
N PHE A 38 19.14 12.82 -3.00
CA PHE A 38 18.98 11.38 -2.83
C PHE A 38 18.94 10.99 -1.37
N ARG A 39 18.04 10.06 -1.05
CA ARG A 39 17.88 9.48 0.28
C ARG A 39 17.84 7.97 0.06
N LEU A 40 19.00 7.31 0.22
CA LEU A 40 19.15 5.88 -0.02
C LEU A 40 19.00 5.06 1.24
N THR A 41 18.21 3.98 1.14
CA THR A 41 17.98 3.02 2.23
C THR A 41 18.53 1.68 1.73
N ILE A 42 19.64 1.22 2.32
CA ILE A 42 20.28 -0.01 1.86
C ILE A 42 20.28 -1.06 2.95
N GLN A 43 19.54 -2.15 2.69
CA GLN A 43 19.50 -3.35 3.51
C GLN A 43 20.28 -4.39 2.71
N PRO A 44 21.57 -4.63 3.06
CA PRO A 44 22.43 -5.50 2.23
C PRO A 44 21.85 -6.85 1.82
N LYS A 45 22.02 -7.16 0.51
CA LYS A 45 21.62 -8.38 -0.21
C LYS A 45 20.08 -8.56 -0.29
N ASP A 46 19.28 -7.60 0.23
CA ASP A 46 17.83 -7.75 0.24
C ASP A 46 17.09 -6.61 -0.48
N TYR A 47 17.18 -5.38 0.05
CA TYR A 47 16.42 -4.24 -0.49
C TYR A 47 17.24 -2.96 -0.51
N VAL A 48 17.02 -2.14 -1.56
CA VAL A 48 17.66 -0.84 -1.77
C VAL A 48 16.59 0.15 -2.25
N GLN A 49 16.39 1.25 -1.49
CA GLN A 49 15.43 2.30 -1.87
C GLN A 49 16.15 3.59 -2.22
N ILE A 50 15.73 4.24 -3.32
CA ILE A 50 16.27 5.52 -3.78
C ILE A 50 15.13 6.55 -3.73
N MET A 51 15.17 7.43 -2.72
CA MET A 51 14.19 8.50 -2.55
C MET A 51 14.77 9.75 -3.21
N CYS A 52 14.16 10.18 -4.33
CA CYS A 52 14.65 11.30 -5.12
C CYS A 52 13.87 12.59 -4.87
N ASN A 53 14.56 13.72 -5.14
CA ASN A 53 14.07 15.09 -5.13
C ASN A 53 14.96 15.88 -6.08
N LEU A 54 14.72 15.68 -7.39
CA LEU A 54 15.48 16.29 -8.46
C LEU A 54 14.69 17.39 -9.17
N THR A 55 15.36 18.51 -9.46
CA THR A 55 14.78 19.63 -10.21
C THR A 55 14.96 19.31 -11.71
N ASP A 56 16.04 18.58 -12.06
CA ASP A 56 16.39 18.11 -13.41
C ASP A 56 17.30 16.86 -13.34
N THR A 57 17.43 16.14 -14.47
CA THR A 57 18.21 14.91 -14.63
C THR A 57 19.71 15.08 -14.32
N THR A 58 20.21 16.32 -14.44
CA THR A 58 21.61 16.70 -14.19
C THR A 58 22.04 16.40 -12.75
N ASP A 59 21.07 16.45 -11.81
CA ASP A 59 21.25 16.21 -10.38
C ASP A 59 21.70 14.77 -10.04
N TYR A 60 21.73 13.85 -11.02
CA TYR A 60 22.17 12.46 -10.82
C TYR A 60 23.67 12.38 -10.51
N GLN A 61 24.40 13.51 -10.65
CA GLN A 61 25.83 13.62 -10.33
C GLN A 61 26.04 13.61 -8.80
N GLN A 62 24.98 13.92 -8.03
CA GLN A 62 24.98 13.95 -6.57
C GLN A 62 24.95 12.53 -5.95
N LEU A 63 24.75 11.49 -6.78
CA LEU A 63 24.71 10.08 -6.36
C LEU A 63 26.07 9.64 -5.78
N PRO A 64 26.09 8.68 -4.80
CA PRO A 64 27.38 8.23 -4.26
C PRO A 64 28.27 7.56 -5.32
N LYS A 65 29.53 7.99 -5.38
CA LYS A 65 30.54 7.49 -6.32
C LYS A 65 31.26 6.28 -5.73
N LYS A 66 31.82 5.40 -6.60
CA LYS A 66 32.57 4.18 -6.28
C LYS A 66 31.78 3.22 -5.36
N LEU A 67 30.45 3.40 -5.24
CA LEU A 67 29.58 2.57 -4.42
C LEU A 67 29.39 1.21 -5.05
N ARG A 68 29.62 0.15 -4.26
CA ARG A 68 29.50 -1.24 -4.69
C ARG A 68 28.56 -1.97 -3.74
N ILE A 69 27.24 -1.80 -3.96
CA ILE A 69 26.21 -2.41 -3.12
C ILE A 69 26.19 -3.93 -3.37
N GLY A 70 26.43 -4.33 -4.62
CA GLY A 70 26.46 -5.74 -5.01
C GLY A 70 25.10 -6.27 -5.37
N GLU A 71 24.87 -7.57 -5.09
CA GLU A 71 23.60 -8.24 -5.38
C GLU A 71 22.52 -7.78 -4.41
N VAL A 72 21.35 -7.39 -4.94
CA VAL A 72 20.18 -6.93 -4.17
C VAL A 72 18.91 -7.46 -4.90
N ASP A 73 17.92 -7.95 -4.13
CA ASP A 73 16.68 -8.52 -4.68
C ASP A 73 15.71 -7.45 -5.15
N ARG A 74 15.27 -6.57 -4.24
CA ARG A 74 14.30 -5.52 -4.52
C ARG A 74 14.96 -4.13 -4.61
N VAL A 75 14.58 -3.35 -5.64
CA VAL A 75 15.05 -1.97 -5.86
C VAL A 75 13.81 -1.08 -5.95
N GLN A 76 13.69 -0.09 -5.04
CA GLN A 76 12.56 0.83 -5.02
C GLN A 76 13.03 2.24 -5.35
N MET A 77 12.55 2.79 -6.46
CA MET A 77 12.90 4.14 -6.89
C MET A 77 11.67 5.02 -6.78
N ARG A 78 11.66 5.93 -5.79
CA ARG A 78 10.52 6.83 -5.55
C ARG A 78 10.89 8.27 -5.90
N ARG A 79 10.01 8.92 -6.70
CA ARG A 79 10.08 10.31 -7.18
C ARG A 79 11.34 10.61 -8.06
N CYS A 80 11.98 9.56 -8.61
CA CYS A 80 13.17 9.71 -9.45
C CYS A 80 12.80 9.97 -10.90
N MET A 81 13.63 10.76 -11.59
CA MET A 81 13.48 11.11 -13.00
C MET A 81 14.14 10.06 -13.88
N LEU A 82 13.62 9.87 -15.11
CA LEU A 82 14.25 8.97 -16.07
C LEU A 82 15.54 9.65 -16.50
N PRO A 83 16.73 9.00 -16.43
CA PRO A 83 17.99 9.72 -16.73
C PRO A 83 18.17 10.08 -18.22
N GLY A 84 17.20 10.79 -18.78
CA GLY A 84 17.16 11.17 -20.18
C GLY A 84 16.99 9.93 -21.03
N HIS A 85 17.66 9.87 -22.19
CA HIS A 85 17.62 8.69 -23.05
C HIS A 85 18.81 7.82 -22.68
N THR A 86 18.70 7.23 -21.48
CA THR A 86 19.66 6.37 -20.80
C THR A 86 18.84 5.36 -19.98
N PRO A 87 19.24 4.07 -19.89
CA PRO A 87 18.45 3.11 -19.09
C PRO A 87 18.45 3.43 -17.60
N ILE A 88 17.37 3.02 -16.89
CA ILE A 88 17.24 3.17 -15.44
C ILE A 88 18.36 2.33 -14.79
N ALA A 89 18.74 1.22 -15.48
CA ALA A 89 19.80 0.28 -15.13
C ALA A 89 21.15 0.97 -14.90
N SER A 90 21.36 2.17 -15.51
CA SER A 90 22.58 2.96 -15.34
C SER A 90 22.71 3.47 -13.90
N ILE A 91 21.58 3.93 -13.30
CA ILE A 91 21.52 4.41 -11.91
C ILE A 91 21.91 3.25 -11.01
N LEU A 92 21.39 2.05 -11.32
CA LEU A 92 21.65 0.80 -10.64
C LEU A 92 23.14 0.44 -10.79
N ASP A 93 23.71 0.61 -12.00
CA ASP A 93 25.13 0.34 -12.31
C ASP A 93 26.07 1.30 -11.57
N TYR A 94 25.71 2.60 -11.51
CA TYR A 94 26.46 3.67 -10.83
C TYR A 94 26.57 3.41 -9.33
N LEU A 95 25.55 2.74 -8.76
CA LEU A 95 25.47 2.39 -7.34
C LEU A 95 26.01 0.97 -7.09
N GLY A 96 26.33 0.25 -8.16
CA GLY A 96 26.87 -1.10 -8.09
C GLY A 96 25.84 -2.16 -7.78
N ILE A 97 24.56 -1.89 -8.09
CA ILE A 97 23.44 -2.82 -7.88
C ILE A 97 23.51 -3.89 -8.98
N VAL A 98 23.69 -5.16 -8.57
CA VAL A 98 23.85 -6.31 -9.47
C VAL A 98 22.63 -7.24 -9.39
N SER A 99 22.19 -7.73 -10.57
CA SER A 99 21.11 -8.68 -10.82
C SER A 99 19.87 -8.47 -9.90
N PRO A 100 19.10 -7.37 -10.08
CA PRO A 100 17.91 -7.18 -9.24
C PRO A 100 16.73 -8.01 -9.75
N THR A 101 16.03 -8.68 -8.83
CA THR A 101 14.87 -9.50 -9.18
C THR A 101 13.64 -8.61 -9.34
N THR A 102 13.54 -7.55 -8.50
CA THR A 102 12.42 -6.61 -8.46
C THR A 102 12.88 -5.16 -8.63
N LEU A 103 12.09 -4.37 -9.38
CA LEU A 103 12.31 -2.95 -9.60
C LEU A 103 10.97 -2.23 -9.57
N ILE A 104 10.82 -1.29 -8.63
CA ILE A 104 9.62 -0.48 -8.47
C ILE A 104 9.99 0.95 -8.81
N PHE A 105 9.46 1.47 -9.92
CA PHE A 105 9.75 2.84 -10.34
C PHE A 105 8.46 3.65 -10.25
N GLU A 106 8.29 4.36 -9.12
CA GLU A 106 7.14 5.22 -8.86
C GLU A 106 7.62 6.66 -8.86
N SER A 107 7.07 7.50 -9.76
CA SER A 107 7.45 8.90 -9.86
C SER A 107 6.45 9.71 -10.67
N ASP A 108 6.07 10.88 -10.15
CA ASP A 108 5.18 11.79 -10.88
C ASP A 108 6.04 12.85 -11.59
N ASN A 109 7.37 12.77 -11.41
CA ASN A 109 8.36 13.65 -12.03
C ASN A 109 9.33 12.79 -12.86
N LEU A 110 8.84 12.32 -14.03
CA LEU A 110 9.62 11.51 -14.95
C LEU A 110 10.44 12.39 -15.89
N GLY A 111 9.90 13.56 -16.20
CA GLY A 111 10.53 14.56 -17.06
C GLY A 111 10.36 14.33 -18.55
N MET A 112 9.93 13.11 -18.93
CA MET A 112 9.72 12.69 -20.31
C MET A 112 8.82 11.43 -20.41
N ASN A 113 8.65 10.90 -21.63
CA ASN A 113 7.88 9.70 -21.92
C ASN A 113 8.77 8.47 -21.77
N ILE A 114 8.29 7.46 -21.00
CA ILE A 114 9.03 6.21 -20.76
C ILE A 114 9.11 5.42 -22.08
N THR A 115 10.33 5.07 -22.47
CA THR A 115 10.62 4.33 -23.70
C THR A 115 11.28 2.98 -23.37
N ARG A 116 11.43 2.13 -24.40
CA ARG A 116 12.06 0.81 -24.33
C ARG A 116 13.49 0.92 -23.77
N GLN A 117 14.21 2.01 -24.13
CA GLN A 117 15.58 2.29 -23.72
C GLN A 117 15.73 2.43 -22.20
N HIS A 118 14.73 3.01 -21.50
CA HIS A 118 14.77 3.17 -20.04
C HIS A 118 14.75 1.81 -19.33
N LEU A 119 14.10 0.81 -19.95
CA LEU A 119 13.95 -0.54 -19.42
C LEU A 119 15.06 -1.48 -19.94
N ASP A 120 16.04 -0.96 -20.68
CA ASP A 120 17.15 -1.76 -21.21
C ASP A 120 18.07 -2.23 -20.09
N ARG A 121 18.80 -3.35 -20.34
CA ARG A 121 19.73 -4.02 -19.41
C ARG A 121 18.99 -4.49 -18.15
N LEU A 122 17.69 -4.84 -18.29
CA LEU A 122 16.85 -5.31 -17.20
C LEU A 122 16.05 -6.53 -17.64
N HIS A 123 16.61 -7.32 -18.57
CA HIS A 123 16.00 -8.55 -19.10
C HIS A 123 15.91 -9.64 -18.03
N GLY A 124 16.77 -9.56 -17.02
CA GLY A 124 16.81 -10.50 -15.91
C GLY A 124 15.81 -10.25 -14.81
N LEU A 125 15.05 -9.12 -14.88
CA LEU A 125 14.03 -8.75 -13.90
C LEU A 125 12.89 -9.76 -13.86
N LYS A 126 12.38 -10.03 -12.65
CA LYS A 126 11.27 -10.96 -12.44
C LYS A 126 10.01 -10.16 -12.14
N ARG A 127 10.14 -9.08 -11.35
CA ARG A 127 9.03 -8.21 -10.96
C ARG A 127 9.31 -6.76 -11.36
N PHE A 128 8.32 -6.10 -11.97
CA PHE A 128 8.45 -4.71 -12.39
C PHE A 128 7.15 -3.96 -12.14
N ARG A 129 7.24 -2.88 -11.35
CA ARG A 129 6.12 -2.01 -11.01
C ARG A 129 6.47 -0.60 -11.42
N PHE A 130 5.70 -0.02 -12.35
CA PHE A 130 5.90 1.35 -12.80
C PHE A 130 4.64 2.15 -12.52
N THR A 131 4.76 3.16 -11.65
CA THR A 131 3.65 4.01 -11.23
C THR A 131 3.92 5.48 -11.51
N THR A 132 2.93 6.18 -12.07
CA THR A 132 2.97 7.61 -12.36
C THR A 132 1.53 8.14 -12.48
N ARG A 133 1.23 9.26 -11.79
CA ARG A 133 -0.10 9.88 -11.82
C ARG A 133 -0.33 10.60 -13.16
N ARG A 134 0.75 11.03 -13.81
CA ARG A 134 0.75 11.76 -15.08
C ARG A 134 0.20 10.89 -16.22
N LEU A 135 -0.40 11.53 -17.25
CA LEU A 135 -0.94 10.86 -18.43
C LEU A 135 0.21 10.21 -19.18
N THR A 136 0.18 8.87 -19.30
CA THR A 136 1.28 8.16 -19.94
C THR A 136 0.80 7.27 -21.09
N HIS A 137 1.47 7.42 -22.24
CA HIS A 137 1.29 6.61 -23.44
C HIS A 137 2.37 5.54 -23.40
N ILE A 138 1.97 4.27 -23.54
CA ILE A 138 2.92 3.16 -23.45
C ILE A 138 3.23 2.62 -24.87
N PRO A 139 4.52 2.61 -25.28
CA PRO A 139 4.84 2.04 -26.60
C PRO A 139 4.79 0.50 -26.57
N ALA A 140 4.57 -0.14 -27.73
CA ALA A 140 4.47 -1.59 -27.85
C ALA A 140 5.78 -2.32 -27.55
N ASN A 141 6.93 -1.68 -27.85
CA ASN A 141 8.26 -2.26 -27.65
C ASN A 141 8.80 -2.11 -26.23
N LEU A 142 8.11 -1.31 -25.36
CA LEU A 142 8.53 -1.00 -23.99
C LEU A 142 9.00 -2.21 -23.18
N LEU A 143 8.22 -3.30 -23.20
CA LEU A 143 8.56 -4.46 -22.39
C LEU A 143 9.23 -5.60 -23.18
N THR A 144 9.85 -5.29 -24.34
CA THR A 144 10.57 -6.31 -25.12
C THR A 144 11.85 -6.68 -24.37
N ASP A 145 12.29 -7.95 -24.54
CA ASP A 145 13.46 -8.59 -23.91
C ASP A 145 13.23 -8.88 -22.41
N MET A 146 12.15 -8.34 -21.81
CA MET A 146 11.75 -8.62 -20.41
C MET A 146 11.08 -10.00 -20.39
N ARG A 147 11.81 -11.03 -20.85
CA ARG A 147 11.34 -12.40 -21.02
C ARG A 147 11.26 -13.16 -19.70
N ASN A 148 12.11 -12.81 -18.71
CA ASN A 148 12.15 -13.44 -17.39
C ASN A 148 11.12 -12.83 -16.42
N LEU A 149 10.36 -11.81 -16.89
CA LEU A 149 9.34 -11.11 -16.11
C LEU A 149 8.15 -12.03 -15.81
N SER A 150 7.83 -12.16 -14.51
CA SER A 150 6.73 -12.97 -13.99
C SER A 150 5.64 -12.10 -13.35
N HIS A 151 5.98 -10.87 -12.95
CA HIS A 151 5.04 -9.93 -12.34
C HIS A 151 5.15 -8.57 -12.98
N LEU A 152 4.02 -7.99 -13.41
CA LEU A 152 4.02 -6.67 -14.02
C LEU A 152 2.86 -5.83 -13.50
N GLU A 153 3.19 -4.64 -12.99
CA GLU A 153 2.20 -3.67 -12.52
C GLU A 153 2.46 -2.34 -13.21
N LEU A 154 1.42 -1.79 -13.84
CA LEU A 154 1.50 -0.51 -14.53
C LEU A 154 0.27 0.32 -14.21
N ARG A 155 0.43 1.26 -13.28
CA ARG A 155 -0.61 2.20 -12.85
C ARG A 155 -0.17 3.56 -13.34
N ALA A 156 -0.72 4.02 -14.49
CA ALA A 156 -0.29 5.27 -15.09
C ALA A 156 -1.38 6.02 -15.87
N ASN A 157 -2.67 5.79 -15.53
CA ASN A 157 -3.84 6.40 -16.20
C ASN A 157 -3.79 6.14 -17.73
N ILE A 158 -3.34 4.93 -18.11
CA ILE A 158 -3.19 4.46 -19.49
C ILE A 158 -4.58 4.29 -20.12
N GLU A 159 -4.81 5.00 -21.24
CA GLU A 159 -6.08 4.97 -21.96
C GLU A 159 -6.15 3.82 -22.96
N GLU A 160 -5.06 3.58 -23.70
CA GLU A 160 -5.01 2.52 -24.71
C GLU A 160 -3.81 1.60 -24.49
N MET A 161 -4.03 0.30 -24.68
CA MET A 161 -3.00 -0.72 -24.54
C MET A 161 -2.52 -1.21 -25.92
N PRO A 162 -1.19 -1.12 -26.21
CA PRO A 162 -0.71 -1.62 -27.51
C PRO A 162 -0.80 -3.15 -27.57
N SER A 163 -1.22 -3.69 -28.71
CA SER A 163 -1.46 -5.13 -28.92
C SER A 163 -0.24 -6.01 -28.71
N HIS A 164 0.96 -5.56 -29.12
CA HIS A 164 2.19 -6.35 -29.01
C HIS A 164 3.02 -5.94 -27.77
N LEU A 165 2.34 -5.59 -26.66
CA LEU A 165 2.96 -5.19 -25.41
C LEU A 165 3.61 -6.38 -24.70
N PHE A 166 2.98 -7.57 -24.80
CA PHE A 166 3.47 -8.79 -24.14
C PHE A 166 4.08 -9.80 -25.12
N ASP A 167 4.55 -9.32 -26.29
CA ASP A 167 5.17 -10.16 -27.31
C ASP A 167 6.46 -10.76 -26.77
N ASP A 168 6.49 -12.10 -26.65
CA ASP A 168 7.59 -12.92 -26.12
C ASP A 168 7.79 -12.58 -24.61
N LEU A 169 6.74 -12.79 -23.81
CA LEU A 169 6.66 -12.60 -22.36
C LEU A 169 5.82 -13.74 -21.76
N GLU A 170 6.20 -14.99 -22.11
CA GLU A 170 5.51 -16.22 -21.72
C GLU A 170 5.67 -16.56 -20.22
N ASN A 171 6.72 -16.06 -19.56
CA ASN A 171 6.97 -16.34 -18.15
C ASN A 171 6.10 -15.50 -17.19
N LEU A 172 5.22 -14.62 -17.72
CA LEU A 172 4.33 -13.78 -16.91
C LEU A 172 3.34 -14.61 -16.09
N GLU A 173 3.27 -14.34 -14.78
CA GLU A 173 2.39 -15.04 -13.84
C GLU A 173 1.33 -14.11 -13.25
N SER A 174 1.65 -12.82 -13.12
CA SER A 174 0.73 -11.84 -12.57
C SER A 174 0.79 -10.51 -13.33
N ILE A 175 -0.39 -9.95 -13.65
CA ILE A 175 -0.51 -8.66 -14.34
C ILE A 175 -1.51 -7.79 -13.57
N GLU A 176 -1.05 -6.60 -13.12
CA GLU A 176 -1.88 -5.64 -12.42
C GLU A 176 -2.00 -4.38 -13.28
N PHE A 177 -3.19 -4.18 -13.86
CA PHE A 177 -3.51 -3.01 -14.69
C PHE A 177 -4.71 -2.27 -14.11
N GLY A 178 -4.87 -2.37 -12.80
CA GLY A 178 -5.94 -1.73 -12.08
C GLY A 178 -5.74 -0.23 -11.96
N SER A 179 -6.86 0.49 -11.80
CA SER A 179 -6.96 1.94 -11.62
C SER A 179 -6.25 2.76 -12.74
N ASN A 180 -6.38 2.29 -13.98
CA ASN A 180 -5.92 2.99 -15.17
C ASN A 180 -7.17 3.56 -15.85
N LYS A 181 -7.04 4.17 -17.03
CA LYS A 181 -8.19 4.73 -17.74
C LYS A 181 -8.46 3.96 -19.04
N LEU A 182 -8.14 2.65 -19.05
CA LEU A 182 -8.28 1.76 -20.21
C LEU A 182 -9.72 1.63 -20.67
N ARG A 183 -9.98 2.03 -21.92
CA ARG A 183 -11.30 1.97 -22.54
C ARG A 183 -11.48 0.66 -23.30
N GLN A 184 -10.39 0.14 -23.89
CA GLN A 184 -10.39 -1.07 -24.70
C GLN A 184 -9.28 -2.06 -24.30
N MET A 185 -9.36 -3.27 -24.90
CA MET A 185 -8.41 -4.37 -24.80
C MET A 185 -8.18 -4.92 -26.21
N PRO A 186 -6.92 -5.10 -26.66
CA PRO A 186 -6.70 -5.64 -28.02
C PRO A 186 -7.09 -7.12 -28.09
N ARG A 187 -7.48 -7.62 -29.29
CA ARG A 187 -7.98 -8.99 -29.49
C ARG A 187 -6.99 -10.10 -29.06
N GLY A 188 -5.72 -9.98 -29.44
CA GLY A 188 -4.74 -11.01 -29.09
C GLY A 188 -3.67 -10.56 -28.12
N ILE A 189 -4.09 -9.86 -27.07
CA ILE A 189 -3.18 -9.32 -26.06
C ILE A 189 -2.66 -10.43 -25.13
N PHE A 190 -3.53 -11.39 -24.74
CA PHE A 190 -3.16 -12.50 -23.86
C PHE A 190 -3.12 -13.82 -24.63
N GLY A 191 -2.48 -13.80 -25.80
CA GLY A 191 -2.33 -14.95 -26.67
C GLY A 191 -1.40 -16.00 -26.10
N LYS A 192 -0.12 -15.63 -25.92
CA LYS A 192 0.89 -16.52 -25.37
C LYS A 192 1.19 -16.17 -23.91
N MET A 193 0.30 -16.63 -23.00
CA MET A 193 0.39 -16.46 -21.54
C MET A 193 0.14 -17.82 -20.84
N PRO A 194 0.99 -18.86 -21.05
CA PRO A 194 0.72 -20.16 -20.43
C PRO A 194 0.97 -20.23 -18.92
N LYS A 195 1.62 -19.20 -18.34
CA LYS A 195 1.96 -19.19 -16.92
C LYS A 195 1.16 -18.16 -16.10
N LEU A 196 0.33 -17.30 -16.76
CA LEU A 196 -0.45 -16.28 -16.06
C LEU A 196 -1.50 -16.91 -15.15
N LYS A 197 -1.46 -16.54 -13.86
CA LYS A 197 -2.34 -17.01 -12.80
C LYS A 197 -3.26 -15.89 -12.33
N GLN A 198 -2.74 -14.65 -12.24
CA GLN A 198 -3.50 -13.49 -11.77
C GLN A 198 -3.54 -12.37 -12.82
N LEU A 199 -4.75 -11.82 -13.04
CA LEU A 199 -4.98 -10.73 -13.99
C LEU A 199 -5.94 -9.70 -13.38
N ASN A 200 -5.45 -8.47 -13.19
CA ASN A 200 -6.25 -7.38 -12.61
C ASN A 200 -6.51 -6.29 -13.63
N LEU A 201 -7.78 -6.16 -14.04
CA LEU A 201 -8.24 -5.16 -15.00
C LEU A 201 -9.37 -4.31 -14.38
N ALA A 202 -9.40 -4.25 -13.04
CA ALA A 202 -10.40 -3.51 -12.27
C ALA A 202 -10.15 -2.00 -12.30
N SER A 203 -11.16 -1.21 -11.90
CA SER A 203 -11.17 0.26 -11.81
C SER A 203 -10.69 0.96 -13.10
N ASN A 204 -11.00 0.36 -14.27
CA ASN A 204 -10.66 0.93 -15.57
C ASN A 204 -11.91 1.59 -16.18
N GLN A 205 -11.96 1.74 -17.51
CA GLN A 205 -13.09 2.34 -18.22
C GLN A 205 -13.60 1.39 -19.32
N LEU A 206 -13.43 0.08 -19.11
CA LEU A 206 -13.83 -0.95 -20.08
C LEU A 206 -15.34 -1.14 -20.15
N LYS A 207 -15.90 -0.89 -21.34
CA LYS A 207 -17.32 -1.11 -21.63
C LYS A 207 -17.51 -2.54 -22.15
N SER A 208 -16.46 -3.12 -22.78
CA SER A 208 -16.45 -4.47 -23.34
C SER A 208 -15.04 -5.05 -23.49
N VAL A 209 -14.97 -6.34 -23.85
CA VAL A 209 -13.74 -7.10 -24.11
C VAL A 209 -13.95 -7.93 -25.39
N PRO A 210 -12.94 -8.05 -26.30
CA PRO A 210 -13.14 -8.86 -27.52
C PRO A 210 -13.39 -10.32 -27.17
N ASP A 211 -14.28 -10.99 -27.93
CA ASP A 211 -14.62 -12.39 -27.68
C ASP A 211 -13.39 -13.29 -27.73
N GLY A 212 -13.27 -14.17 -26.74
CA GLY A 212 -12.18 -15.13 -26.59
C GLY A 212 -10.91 -14.61 -25.95
N ILE A 213 -10.95 -13.37 -25.41
CA ILE A 213 -9.82 -12.65 -24.78
C ILE A 213 -9.09 -13.48 -23.70
N PHE A 214 -9.83 -14.26 -22.89
CA PHE A 214 -9.25 -15.03 -21.77
C PHE A 214 -9.22 -16.56 -22.02
N ASP A 215 -9.52 -17.01 -23.26
CA ASP A 215 -9.59 -18.43 -23.62
C ASP A 215 -8.21 -19.14 -23.61
N ARG A 216 -7.13 -18.41 -23.90
CA ARG A 216 -5.77 -18.98 -23.94
C ARG A 216 -5.08 -18.86 -22.56
N LEU A 217 -5.81 -18.35 -21.54
CA LEU A 217 -5.32 -18.19 -20.16
C LEU A 217 -5.64 -19.47 -19.37
N THR A 218 -4.93 -20.56 -19.73
CA THR A 218 -5.11 -21.90 -19.17
C THR A 218 -4.65 -22.02 -17.70
N SER A 219 -3.63 -21.25 -17.27
CA SER A 219 -3.11 -21.31 -15.91
C SER A 219 -3.73 -20.28 -14.95
N LEU A 220 -4.71 -19.47 -15.45
CA LEU A 220 -5.39 -18.44 -14.65
C LEU A 220 -6.10 -19.03 -13.43
N GLN A 221 -5.95 -18.35 -12.29
CA GLN A 221 -6.52 -18.74 -11.00
C GLN A 221 -7.39 -17.63 -10.43
N LYS A 222 -6.97 -16.36 -10.62
CA LYS A 222 -7.69 -15.20 -10.14
C LYS A 222 -7.82 -14.13 -11.23
N ILE A 223 -8.99 -13.45 -11.29
CA ILE A 223 -9.25 -12.39 -12.27
C ILE A 223 -10.09 -11.28 -11.59
N TRP A 224 -9.73 -10.02 -11.86
CA TRP A 224 -10.39 -8.82 -11.36
C TRP A 224 -10.91 -8.03 -12.55
N LEU A 225 -12.23 -7.88 -12.66
CA LEU A 225 -12.85 -7.14 -13.77
C LEU A 225 -13.84 -6.08 -13.26
N HIS A 226 -14.09 -6.05 -11.93
CA HIS A 226 -15.01 -5.14 -11.24
C HIS A 226 -14.64 -3.66 -11.43
N THR A 227 -15.59 -2.75 -11.11
CA THR A 227 -15.48 -1.29 -11.20
C THR A 227 -15.13 -0.92 -12.67
N ASN A 228 -15.94 -1.42 -13.61
CA ASN A 228 -15.83 -1.16 -15.03
C ASN A 228 -17.22 -0.93 -15.61
N PRO A 229 -17.42 0.08 -16.49
CA PRO A 229 -18.77 0.34 -17.02
C PRO A 229 -19.19 -0.65 -18.10
N TRP A 230 -19.16 -1.96 -17.77
CA TRP A 230 -19.50 -3.08 -18.66
C TRP A 230 -20.87 -2.91 -19.29
N ASP A 231 -20.89 -2.86 -20.63
CA ASP A 231 -22.13 -2.77 -21.41
C ASP A 231 -22.72 -4.16 -21.43
N CYS A 232 -23.80 -4.36 -20.65
CA CYS A 232 -24.43 -5.67 -20.51
C CYS A 232 -25.56 -5.92 -21.52
N SER A 233 -25.51 -5.28 -22.68
CA SER A 233 -26.49 -5.54 -23.73
C SER A 233 -26.05 -6.75 -24.52
N CYS A 234 -27.01 -7.56 -24.99
CA CYS A 234 -26.73 -8.77 -25.77
C CYS A 234 -26.77 -8.44 -27.27
N PRO A 235 -25.96 -9.10 -28.13
CA PRO A 235 -25.02 -10.20 -27.85
C PRO A 235 -23.62 -9.75 -27.45
N ARG A 236 -23.42 -8.44 -27.17
CA ARG A 236 -22.12 -7.87 -26.84
C ARG A 236 -21.52 -8.47 -25.57
N ILE A 237 -22.31 -8.65 -24.51
CA ILE A 237 -21.78 -9.17 -23.23
C ILE A 237 -21.83 -10.72 -23.15
N ASP A 238 -22.22 -11.42 -24.25
CA ASP A 238 -22.34 -12.88 -24.27
C ASP A 238 -21.06 -13.59 -23.78
N TYR A 239 -19.92 -13.46 -24.50
CA TYR A 239 -18.66 -14.13 -24.12
C TYR A 239 -18.29 -13.87 -22.66
N LEU A 240 -18.23 -12.58 -22.24
CA LEU A 240 -17.85 -12.23 -20.87
C LEU A 240 -18.84 -12.76 -19.84
N SER A 241 -20.17 -12.67 -20.09
CA SER A 241 -21.18 -13.18 -19.15
C SER A 241 -21.05 -14.70 -18.99
N ARG A 242 -20.90 -15.42 -20.12
CA ARG A 242 -20.75 -16.88 -20.16
C ARG A 242 -19.44 -17.30 -19.49
N TRP A 243 -18.33 -16.59 -19.81
CA TRP A 243 -16.99 -16.86 -19.28
C TRP A 243 -16.96 -16.66 -17.77
N LEU A 244 -17.54 -15.56 -17.27
CA LEU A 244 -17.58 -15.25 -15.84
C LEU A 244 -18.51 -16.20 -15.07
N ASN A 245 -19.43 -16.87 -15.78
CA ASN A 245 -20.33 -17.85 -15.18
C ASN A 245 -19.60 -19.20 -15.06
N LYS A 246 -18.87 -19.60 -16.12
CA LYS A 246 -18.10 -20.85 -16.17
C LYS A 246 -16.87 -20.76 -15.28
N ASN A 247 -16.24 -19.57 -15.22
CA ASN A 247 -15.05 -19.32 -14.42
C ASN A 247 -15.39 -18.34 -13.28
N SER A 248 -16.50 -18.64 -12.57
CA SER A 248 -17.01 -17.86 -11.44
C SER A 248 -16.07 -17.94 -10.23
N GLN A 249 -15.39 -19.10 -10.07
CA GLN A 249 -14.43 -19.38 -9.00
C GLN A 249 -13.17 -18.50 -9.14
N LYS A 250 -12.81 -18.17 -10.39
CA LYS A 250 -11.63 -17.36 -10.73
C LYS A 250 -11.90 -15.88 -10.50
N GLU A 251 -13.16 -15.43 -10.66
CA GLU A 251 -13.48 -14.02 -10.50
C GLU A 251 -13.37 -13.59 -9.05
N GLN A 252 -12.57 -12.53 -8.83
CA GLN A 252 -12.35 -11.88 -7.55
C GLN A 252 -13.14 -10.59 -7.56
N GLY A 253 -14.10 -10.49 -6.65
CA GLY A 253 -15.02 -9.36 -6.59
C GLY A 253 -16.17 -9.64 -7.53
N SER A 254 -16.79 -8.59 -8.09
CA SER A 254 -17.90 -8.78 -9.02
C SER A 254 -18.00 -7.68 -10.05
N ALA A 255 -17.80 -8.05 -11.33
CA ALA A 255 -17.96 -7.16 -12.47
C ALA A 255 -19.46 -6.93 -12.65
N LYS A 256 -19.89 -5.65 -12.58
CA LYS A 256 -21.30 -5.29 -12.65
C LYS A 256 -21.63 -4.52 -13.94
N CYS A 257 -22.92 -4.47 -14.28
CA CYS A 257 -23.45 -3.81 -15.47
C CYS A 257 -23.63 -2.33 -15.22
N SER A 258 -23.39 -1.52 -16.27
CA SER A 258 -23.44 -0.05 -16.26
C SER A 258 -24.75 0.53 -15.69
N GLY A 259 -25.89 0.08 -16.23
CA GLY A 259 -27.20 0.58 -15.83
C GLY A 259 -27.84 -0.08 -14.63
N SER A 260 -28.02 -1.41 -14.69
CA SER A 260 -28.68 -2.21 -13.65
C SER A 260 -27.82 -2.37 -12.39
N GLY A 261 -26.58 -2.79 -12.57
CA GLY A 261 -25.66 -3.07 -11.48
C GLY A 261 -25.63 -4.56 -11.16
N LYS A 262 -26.36 -5.38 -11.95
CA LYS A 262 -26.43 -6.83 -11.82
C LYS A 262 -25.09 -7.44 -12.20
N PRO A 263 -24.56 -8.47 -11.48
CA PRO A 263 -23.26 -9.04 -11.86
C PRO A 263 -23.27 -9.53 -13.31
N VAL A 264 -22.21 -9.23 -14.07
CA VAL A 264 -22.07 -9.61 -15.50
C VAL A 264 -22.34 -11.12 -15.65
N ARG A 265 -21.84 -11.95 -14.70
CA ARG A 265 -21.99 -13.41 -14.66
C ARG A 265 -23.46 -13.88 -14.66
N SER A 266 -24.39 -13.06 -14.10
CA SER A 266 -25.80 -13.41 -14.00
C SER A 266 -26.57 -13.11 -15.29
N ILE A 267 -25.95 -12.38 -16.26
CA ILE A 267 -26.56 -12.09 -17.56
C ILE A 267 -26.48 -13.35 -18.44
N ILE A 268 -27.62 -13.75 -19.04
CA ILE A 268 -27.73 -14.90 -19.95
C ILE A 268 -28.21 -14.37 -21.31
N CYS A 269 -27.30 -14.32 -22.30
CA CYS A 269 -27.63 -13.79 -23.63
C CYS A 269 -28.36 -14.82 -24.50
N PRO A 270 -29.41 -14.39 -25.23
CA PRO A 270 -30.10 -15.32 -26.13
C PRO A 270 -29.35 -15.54 -27.45
N THR A 271 -29.84 -16.48 -28.27
CA THR A 271 -29.25 -16.78 -29.58
C THR A 271 -30.21 -16.28 -30.68
N THR A 272 -29.65 -15.60 -31.70
CA THR A 272 -30.40 -15.06 -32.84
C THR A 272 -29.60 -15.26 -34.13
N SER B 1 14.16 -20.12 14.14
CA SER B 1 13.11 -19.27 14.70
C SER B 1 13.20 -19.18 16.22
N PHE B 2 12.60 -18.11 16.80
CA PHE B 2 12.59 -17.85 18.24
C PHE B 2 11.65 -18.82 18.96
N GLY B 3 12.14 -19.38 20.06
CA GLY B 3 11.40 -20.33 20.90
C GLY B 3 11.93 -20.43 22.32
N ARG B 4 11.83 -21.62 22.91
CA ARG B 4 12.27 -21.91 24.29
C ARG B 4 13.80 -21.88 24.42
N ASP B 5 14.53 -22.49 23.45
CA ASP B 5 15.99 -22.57 23.45
C ASP B 5 16.63 -21.19 23.32
N ALA B 6 16.09 -20.34 22.42
CA ALA B 6 16.56 -18.97 22.19
C ALA B 6 16.34 -18.08 23.41
N CYS B 7 15.22 -18.33 24.14
CA CYS B 7 14.82 -17.60 25.33
C CYS B 7 15.79 -17.86 26.50
N SER B 8 16.15 -19.14 26.72
CA SER B 8 17.08 -19.54 27.79
C SER B 8 18.52 -19.06 27.53
N GLU B 9 18.91 -18.96 26.24
CA GLU B 9 20.24 -18.55 25.78
C GLU B 9 20.55 -17.07 26.01
N MET B 10 19.52 -16.21 26.13
CA MET B 10 19.65 -14.77 26.30
C MET B 10 20.24 -14.35 27.66
N SER B 11 20.14 -15.22 28.68
CA SER B 11 20.67 -14.97 30.03
C SER B 11 22.21 -15.04 30.08
N ILE B 12 22.83 -15.71 29.07
CA ILE B 12 24.28 -15.87 28.93
C ILE B 12 24.93 -14.54 28.54
N ASP B 13 24.36 -13.86 27.51
CA ASP B 13 24.83 -12.57 26.99
C ASP B 13 24.73 -11.45 28.03
N GLY B 14 23.62 -11.42 28.78
CA GLY B 14 23.37 -10.43 29.81
C GLY B 14 22.77 -9.14 29.31
N LEU B 15 22.53 -9.02 27.99
CA LEU B 15 21.94 -7.83 27.37
C LEU B 15 20.45 -7.75 27.74
N CYS B 16 19.68 -8.81 27.48
CA CYS B 16 18.25 -8.89 27.80
C CYS B 16 17.94 -10.16 28.57
N GLN B 17 16.88 -10.10 29.39
CA GLN B 17 16.43 -11.26 30.16
C GLN B 17 15.13 -11.80 29.54
N CYS B 18 15.15 -13.08 29.17
CA CYS B 18 13.98 -13.75 28.59
C CYS B 18 13.51 -14.85 29.52
N ALA B 19 12.19 -14.96 29.67
CA ALA B 19 11.55 -15.96 30.50
C ALA B 19 10.16 -16.32 29.94
N PRO B 20 9.73 -17.61 30.03
CA PRO B 20 8.40 -17.95 29.50
C PRO B 20 7.29 -17.65 30.52
N ILE B 21 6.22 -16.98 30.05
CA ILE B 21 5.05 -16.66 30.87
C ILE B 21 3.88 -17.44 30.25
N MET B 22 3.79 -18.74 30.63
CA MET B 22 2.81 -19.73 30.16
C MET B 22 3.04 -20.04 28.67
N SER B 23 2.16 -19.55 27.79
CA SER B 23 2.23 -19.78 26.34
C SER B 23 3.08 -18.72 25.62
N GLU B 24 3.37 -17.59 26.29
CA GLU B 24 4.15 -16.47 25.76
C GLU B 24 5.59 -16.45 26.29
N TYR B 25 6.46 -15.62 25.69
CA TYR B 25 7.85 -15.40 26.08
C TYR B 25 8.07 -13.91 26.30
N GLU B 26 8.46 -13.51 27.52
CA GLU B 26 8.69 -12.11 27.85
C GLU B 26 10.19 -11.77 27.89
N ILE B 27 10.60 -10.82 27.04
CA ILE B 27 11.96 -10.29 26.94
C ILE B 27 11.97 -8.91 27.59
N ILE B 28 12.93 -8.66 28.50
CA ILE B 28 13.06 -7.37 29.19
C ILE B 28 14.47 -6.84 28.90
N CYS B 29 14.54 -5.72 28.14
CA CYS B 29 15.79 -5.07 27.75
C CYS B 29 15.91 -3.70 28.43
N PRO B 30 17.00 -3.44 29.19
CA PRO B 30 18.12 -4.34 29.51
C PRO B 30 17.76 -5.31 30.63
N ALA B 31 18.63 -6.33 30.85
CA ALA B 31 18.44 -7.35 31.89
C ALA B 31 18.49 -6.74 33.30
N ASN B 32 17.51 -7.11 34.15
CA ASN B 32 17.35 -6.67 35.55
C ASN B 32 17.20 -5.13 35.64
N ALA B 33 16.28 -4.57 34.83
CA ALA B 33 16.02 -3.12 34.79
C ALA B 33 14.69 -2.77 35.45
N GLU B 34 14.68 -1.67 36.22
CA GLU B 34 13.50 -1.14 36.90
C GLU B 34 12.50 -0.62 35.86
N ASN B 35 12.96 0.25 34.96
CA ASN B 35 12.18 0.82 33.86
C ASN B 35 12.74 0.26 32.55
N PRO B 36 12.14 -0.85 32.03
CA PRO B 36 12.69 -1.45 30.80
C PRO B 36 12.58 -0.56 29.57
N THR B 37 13.64 -0.54 28.76
CA THR B 37 13.73 0.20 27.50
C THR B 37 12.85 -0.51 26.48
N PHE B 38 12.87 -1.87 26.52
CA PHE B 38 12.09 -2.73 25.64
C PHE B 38 11.45 -3.88 26.43
N ARG B 39 10.22 -4.24 26.03
CA ARG B 39 9.47 -5.34 26.62
C ARG B 39 8.75 -6.10 25.49
N LEU B 40 9.32 -7.24 25.08
CA LEU B 40 8.78 -8.06 23.99
C LEU B 40 8.02 -9.26 24.52
N THR B 41 6.72 -9.34 24.17
CA THR B 41 5.83 -10.45 24.53
C THR B 41 5.61 -11.24 23.25
N ILE B 42 6.34 -12.36 23.10
CA ILE B 42 6.29 -13.17 21.89
C ILE B 42 5.60 -14.50 22.13
N GLN B 43 4.61 -14.80 21.27
CA GLN B 43 3.91 -16.08 21.18
C GLN B 43 4.24 -16.61 19.78
N PRO B 44 5.23 -17.53 19.66
CA PRO B 44 5.67 -17.98 18.33
C PRO B 44 4.56 -18.38 17.36
N LYS B 45 4.71 -17.92 16.10
CA LYS B 45 3.83 -18.12 14.94
C LYS B 45 2.43 -17.52 15.18
N ASP B 46 2.33 -16.51 16.06
CA ASP B 46 1.05 -15.86 16.38
C ASP B 46 1.21 -14.34 16.50
N TYR B 47 1.84 -13.83 17.57
CA TYR B 47 2.02 -12.39 17.74
C TYR B 47 3.30 -12.01 18.50
N VAL B 48 3.68 -10.73 18.36
CA VAL B 48 4.82 -10.08 19.02
C VAL B 48 4.34 -8.71 19.50
N GLN B 49 4.52 -8.43 20.79
CA GLN B 49 4.15 -7.15 21.39
C GLN B 49 5.41 -6.41 21.82
N ILE B 50 5.80 -5.38 21.06
CA ILE B 50 6.98 -4.57 21.35
C ILE B 50 6.53 -3.34 22.12
N MET B 51 7.06 -3.19 23.35
CA MET B 51 6.77 -2.11 24.29
C MET B 51 8.05 -1.29 24.43
N CYS B 52 8.06 -0.05 23.92
CA CYS B 52 9.25 0.80 23.94
C CYS B 52 9.18 1.89 25.01
N ASN B 53 10.35 2.23 25.57
CA ASN B 53 10.54 3.31 26.55
C ASN B 53 11.99 3.80 26.42
N LEU B 54 12.25 4.56 25.35
CA LEU B 54 13.57 5.10 25.03
C LEU B 54 13.59 6.62 25.00
N THR B 55 14.64 7.23 25.58
CA THR B 55 14.81 8.69 25.63
C THR B 55 15.46 9.19 24.31
N ASP B 56 16.42 8.43 23.78
CA ASP B 56 17.11 8.70 22.53
C ASP B 56 17.04 7.46 21.62
N THR B 57 17.03 7.67 20.30
CA THR B 57 16.93 6.60 19.30
C THR B 57 18.16 5.66 19.30
N THR B 58 19.24 6.04 20.01
CA THR B 58 20.46 5.22 20.13
C THR B 58 20.21 4.00 21.02
N ASP B 59 19.13 4.05 21.83
CA ASP B 59 18.72 2.99 22.77
C ASP B 59 18.36 1.67 22.08
N TYR B 60 18.16 1.67 20.74
CA TYR B 60 17.84 0.45 19.98
C TYR B 60 19.03 -0.55 20.00
N GLN B 61 20.19 -0.12 20.56
CA GLN B 61 21.37 -0.96 20.76
C GLN B 61 21.10 -2.00 21.84
N GLN B 62 20.13 -1.70 22.73
CA GLN B 62 19.72 -2.54 23.85
C GLN B 62 18.88 -3.73 23.35
N LEU B 63 18.27 -3.63 22.14
CA LEU B 63 17.50 -4.72 21.53
C LEU B 63 18.42 -5.90 21.18
N PRO B 64 17.99 -7.17 21.40
CA PRO B 64 18.88 -8.30 21.10
C PRO B 64 19.27 -8.41 19.63
N LYS B 65 20.57 -8.66 19.43
CA LYS B 65 21.20 -8.81 18.12
C LYS B 65 20.82 -10.16 17.52
N LYS B 66 20.57 -10.17 16.20
CA LYS B 66 20.22 -11.33 15.38
C LYS B 66 19.07 -12.17 16.01
N LEU B 67 18.04 -11.49 16.52
CA LEU B 67 16.84 -12.13 17.06
C LEU B 67 16.01 -12.58 15.85
N ARG B 68 15.66 -13.87 15.78
CA ARG B 68 14.95 -14.37 14.61
C ARG B 68 13.57 -14.86 15.02
N ILE B 69 12.61 -13.93 15.10
CA ILE B 69 11.22 -14.20 15.51
C ILE B 69 10.52 -15.05 14.42
N GLY B 70 10.63 -14.63 13.17
CA GLY B 70 10.06 -15.33 12.03
C GLY B 70 8.65 -14.93 11.69
N GLU B 71 7.88 -15.87 11.11
CA GLU B 71 6.49 -15.68 10.67
C GLU B 71 5.57 -15.50 11.87
N VAL B 72 4.85 -14.35 11.92
CA VAL B 72 3.86 -13.98 12.95
C VAL B 72 2.66 -13.33 12.26
N ASP B 73 1.48 -13.39 12.90
CA ASP B 73 0.26 -12.81 12.34
C ASP B 73 0.05 -11.36 12.78
N ARG B 74 0.18 -11.08 14.10
CA ARG B 74 -0.02 -9.76 14.68
C ARG B 74 1.28 -9.15 15.21
N VAL B 75 1.42 -7.81 15.09
CA VAL B 75 2.58 -7.05 15.58
C VAL B 75 2.05 -5.80 16.29
N GLN B 76 2.31 -5.69 17.60
CA GLN B 76 1.91 -4.54 18.41
C GLN B 76 3.13 -3.73 18.79
N MET B 77 3.10 -2.42 18.51
CA MET B 77 4.20 -1.51 18.81
C MET B 77 3.67 -0.33 19.62
N ARG B 78 4.21 -0.16 20.84
CA ARG B 78 3.82 0.94 21.73
C ARG B 78 5.03 1.83 22.04
N ARG B 79 4.86 3.15 21.83
CA ARG B 79 5.81 4.25 22.09
C ARG B 79 7.20 4.02 21.46
N CYS B 80 7.27 3.28 20.33
CA CYS B 80 8.54 3.00 19.65
C CYS B 80 8.90 4.13 18.71
N MET B 81 9.85 4.99 19.16
CA MET B 81 10.35 6.16 18.45
C MET B 81 10.74 5.84 17.02
N LEU B 82 10.27 6.68 16.08
CA LEU B 82 10.58 6.58 14.65
C LEU B 82 11.97 7.23 14.47
N PRO B 83 13.05 6.46 14.18
CA PRO B 83 14.39 7.09 14.11
C PRO B 83 14.61 7.91 12.83
N GLY B 84 13.95 9.07 12.79
CA GLY B 84 14.01 10.02 11.69
C GLY B 84 13.33 9.51 10.43
N HIS B 85 14.13 9.39 9.35
CA HIS B 85 13.64 8.93 8.06
C HIS B 85 13.88 7.42 7.89
N THR B 86 13.04 6.61 8.58
CA THR B 86 13.08 5.15 8.55
C THR B 86 11.69 4.55 8.68
N PRO B 87 11.38 3.46 7.94
CA PRO B 87 10.06 2.85 8.04
C PRO B 87 9.87 2.07 9.34
N ILE B 88 8.63 1.63 9.60
CA ILE B 88 8.29 0.81 10.76
C ILE B 88 8.91 -0.58 10.52
N ALA B 89 9.04 -0.98 9.22
CA ALA B 89 9.62 -2.23 8.75
C ALA B 89 11.08 -2.43 9.21
N SER B 90 11.84 -1.33 9.43
CA SER B 90 13.23 -1.34 9.90
C SER B 90 13.39 -2.13 11.20
N ILE B 91 12.47 -1.89 12.16
CA ILE B 91 12.43 -2.54 13.48
C ILE B 91 12.03 -4.01 13.29
N LEU B 92 11.00 -4.25 12.45
CA LEU B 92 10.46 -5.57 12.13
C LEU B 92 11.52 -6.48 11.48
N ASP B 93 12.30 -5.93 10.52
CA ASP B 93 13.36 -6.67 9.81
C ASP B 93 14.53 -6.99 10.74
N TYR B 94 14.84 -6.06 11.69
CA TYR B 94 15.89 -6.17 12.70
C TYR B 94 15.57 -7.31 13.66
N LEU B 95 14.28 -7.41 14.07
CA LEU B 95 13.77 -8.43 14.99
C LEU B 95 13.45 -9.76 14.25
N GLY B 96 13.62 -9.76 12.93
CA GLY B 96 13.39 -10.92 12.09
C GLY B 96 11.92 -11.30 11.89
N ILE B 97 11.01 -10.33 12.05
CA ILE B 97 9.56 -10.52 11.87
C ILE B 97 9.29 -10.69 10.36
N VAL B 98 8.69 -11.84 10.01
CA VAL B 98 8.40 -12.22 8.61
C VAL B 98 6.89 -12.21 8.34
N SER B 99 6.52 -11.60 7.18
CA SER B 99 5.19 -11.46 6.58
C SER B 99 4.02 -11.34 7.60
N PRO B 100 3.89 -10.20 8.32
CA PRO B 100 2.76 -10.08 9.26
C PRO B 100 1.48 -9.65 8.55
N THR B 101 0.33 -10.17 9.00
CA THR B 101 -0.98 -9.85 8.43
C THR B 101 -1.56 -8.60 9.12
N THR B 102 -1.13 -8.35 10.37
CA THR B 102 -1.63 -7.25 11.19
C THR B 102 -0.47 -6.48 11.84
N LEU B 103 -0.53 -5.13 11.80
CA LEU B 103 0.42 -4.25 12.45
C LEU B 103 -0.32 -3.14 13.20
N ILE B 104 -0.05 -3.05 14.50
CA ILE B 104 -0.65 -2.06 15.39
C ILE B 104 0.48 -1.15 15.89
N PHE B 105 0.49 0.10 15.39
CA PHE B 105 1.48 1.09 15.80
C PHE B 105 0.83 2.14 16.68
N GLU B 106 1.40 2.34 17.87
CA GLU B 106 0.93 3.27 18.89
C GLU B 106 2.12 4.06 19.42
N SER B 107 1.97 5.40 19.51
CA SER B 107 3.05 6.28 20.00
C SER B 107 2.52 7.64 20.40
N ASP B 108 2.64 7.99 21.70
CA ASP B 108 2.25 9.30 22.24
C ASP B 108 3.43 10.29 22.08
N ASN B 109 4.65 9.73 21.93
CA ASN B 109 5.90 10.46 21.68
C ASN B 109 6.42 10.00 20.31
N LEU B 110 5.82 10.55 19.24
CA LEU B 110 6.15 10.23 17.85
C LEU B 110 7.45 10.90 17.39
N GLY B 111 7.49 12.22 17.50
CA GLY B 111 8.60 13.05 17.04
C GLY B 111 8.27 13.69 15.71
N MET B 112 7.41 13.01 14.91
CA MET B 112 6.94 13.43 13.58
C MET B 112 5.58 12.78 13.21
N ASN B 113 4.88 13.35 12.23
CA ASN B 113 3.59 12.85 11.72
C ASN B 113 3.83 11.60 10.87
N ILE B 114 2.80 10.75 10.71
CA ILE B 114 2.90 9.52 9.91
C ILE B 114 2.91 9.87 8.41
N THR B 115 3.82 9.23 7.66
CA THR B 115 3.99 9.42 6.21
C THR B 115 3.94 8.05 5.51
N ARG B 116 4.03 8.05 4.16
CA ARG B 116 4.05 6.84 3.35
C ARG B 116 5.35 6.06 3.61
N GLN B 117 6.47 6.79 3.81
CA GLN B 117 7.83 6.27 4.06
C GLN B 117 7.86 5.38 5.30
N HIS B 118 7.02 5.65 6.32
CA HIS B 118 6.93 4.85 7.54
C HIS B 118 6.28 3.49 7.27
N LEU B 119 5.41 3.43 6.24
CA LEU B 119 4.68 2.23 5.84
C LEU B 119 5.37 1.47 4.68
N ASP B 120 6.62 1.83 4.36
CA ASP B 120 7.42 1.19 3.32
C ASP B 120 7.77 -0.24 3.73
N ARG B 121 7.81 -1.16 2.74
CA ARG B 121 8.08 -2.61 2.88
C ARG B 121 6.96 -3.32 3.67
N LEU B 122 5.76 -2.70 3.75
CA LEU B 122 4.60 -3.25 4.46
C LEU B 122 3.39 -3.36 3.50
N HIS B 123 3.68 -3.57 2.21
CA HIS B 123 2.70 -3.73 1.13
C HIS B 123 1.83 -4.98 1.32
N GLY B 124 2.40 -6.00 1.96
CA GLY B 124 1.74 -7.27 2.25
C GLY B 124 0.83 -7.29 3.47
N LEU B 125 0.68 -6.13 4.16
CA LEU B 125 -0.19 -6.02 5.33
C LEU B 125 -1.66 -6.03 4.93
N LYS B 126 -2.48 -6.70 5.75
CA LYS B 126 -3.93 -6.80 5.55
C LYS B 126 -4.68 -5.97 6.60
N ARG B 127 -4.06 -5.78 7.79
CA ARG B 127 -4.64 -5.02 8.90
C ARG B 127 -3.64 -4.00 9.44
N PHE B 128 -4.05 -2.72 9.51
CA PHE B 128 -3.21 -1.65 10.04
C PHE B 128 -4.01 -0.80 11.02
N ARG B 129 -3.37 -0.48 12.17
CA ARG B 129 -3.95 0.33 13.24
C ARG B 129 -2.92 1.34 13.74
N PHE B 130 -3.11 2.63 13.38
CA PHE B 130 -2.24 3.70 13.85
C PHE B 130 -3.00 4.52 14.89
N THR B 131 -2.41 4.64 16.08
CA THR B 131 -3.00 5.33 17.23
C THR B 131 -2.01 6.32 17.84
N THR B 132 -2.51 7.51 18.21
CA THR B 132 -1.76 8.57 18.89
C THR B 132 -2.76 9.54 19.53
N ARG B 133 -2.39 10.11 20.68
CA ARG B 133 -3.24 11.07 21.37
C ARG B 133 -3.10 12.45 20.73
N ARG B 134 -1.88 12.83 20.35
CA ARG B 134 -1.58 14.13 19.74
C ARG B 134 -2.16 14.24 18.31
N LEU B 135 -2.42 15.49 17.89
CA LEU B 135 -2.98 15.89 16.60
C LEU B 135 -2.05 15.48 15.45
N THR B 136 -2.62 14.87 14.40
CA THR B 136 -1.83 14.44 13.22
C THR B 136 -2.50 14.81 11.90
N HIS B 137 -1.65 15.01 10.88
CA HIS B 137 -2.01 15.32 9.50
C HIS B 137 -1.82 14.07 8.67
N ILE B 138 -2.78 13.77 7.78
CA ILE B 138 -2.72 12.57 6.95
C ILE B 138 -2.51 12.96 5.47
N PRO B 139 -1.41 12.52 4.85
CA PRO B 139 -1.21 12.81 3.42
C PRO B 139 -2.03 11.84 2.56
N ALA B 140 -2.32 12.22 1.30
CA ALA B 140 -3.12 11.41 0.38
C ALA B 140 -2.40 10.13 -0.08
N ASN B 141 -1.05 10.19 -0.20
CA ASN B 141 -0.21 9.08 -0.67
C ASN B 141 0.16 8.07 0.45
N LEU B 142 -0.28 8.31 1.71
CA LEU B 142 0.00 7.48 2.88
C LEU B 142 -0.25 5.97 2.66
N LEU B 143 -1.36 5.59 2.00
CA LEU B 143 -1.70 4.17 1.84
C LEU B 143 -1.63 3.65 0.39
N THR B 144 -0.95 4.38 -0.52
CA THR B 144 -0.80 3.99 -1.94
C THR B 144 -0.10 2.63 -2.13
N ASP B 145 0.76 2.22 -1.17
CA ASP B 145 1.47 0.94 -1.22
C ASP B 145 0.72 -0.16 -0.44
N MET B 146 -0.25 0.22 0.42
CA MET B 146 -1.03 -0.72 1.23
C MET B 146 -2.14 -1.36 0.37
N ARG B 147 -1.73 -2.16 -0.64
CA ARG B 147 -2.64 -2.82 -1.59
C ARG B 147 -3.43 -3.97 -0.95
N ASN B 148 -2.74 -4.86 -0.21
CA ASN B 148 -3.35 -6.02 0.44
C ASN B 148 -4.23 -5.66 1.64
N LEU B 149 -4.18 -4.39 2.08
CA LEU B 149 -4.90 -3.86 3.24
C LEU B 149 -6.42 -3.98 3.08
N SER B 150 -7.04 -4.68 4.04
CA SER B 150 -8.47 -4.92 4.13
C SER B 150 -9.08 -4.20 5.34
N HIS B 151 -8.27 -4.00 6.40
CA HIS B 151 -8.71 -3.33 7.62
C HIS B 151 -7.78 -2.17 7.97
N LEU B 152 -8.34 -0.96 8.04
CA LEU B 152 -7.61 0.24 8.40
C LEU B 152 -8.29 0.94 9.57
N GLU B 153 -7.52 1.19 10.64
CA GLU B 153 -8.01 1.88 11.82
C GLU B 153 -7.07 3.02 12.14
N LEU B 154 -7.61 4.23 12.18
CA LEU B 154 -6.83 5.42 12.51
C LEU B 154 -7.51 6.17 13.65
N ARG B 155 -6.90 6.12 14.85
CA ARG B 155 -7.35 6.82 16.04
C ARG B 155 -6.22 7.78 16.39
N ALA B 156 -6.05 8.80 15.56
CA ALA B 156 -4.94 9.73 15.67
C ALA B 156 -5.40 11.20 15.76
N ASN B 157 -6.67 11.44 16.19
CA ASN B 157 -7.27 12.77 16.36
C ASN B 157 -7.09 13.63 15.08
N ILE B 158 -7.46 13.04 13.94
CA ILE B 158 -7.33 13.64 12.61
C ILE B 158 -8.50 14.60 12.39
N GLU B 159 -8.19 15.82 11.89
CA GLU B 159 -9.18 16.86 11.63
C GLU B 159 -9.72 16.82 10.19
N GLU B 160 -8.87 16.41 9.22
CA GLU B 160 -9.26 16.36 7.81
C GLU B 160 -8.73 15.10 7.12
N MET B 161 -9.59 14.48 6.29
CA MET B 161 -9.22 13.32 5.50
C MET B 161 -8.90 13.77 4.07
N PRO B 162 -7.73 13.40 3.51
CA PRO B 162 -7.43 13.82 2.13
C PRO B 162 -8.35 13.12 1.12
N SER B 163 -8.72 13.83 0.03
CA SER B 163 -9.63 13.36 -1.02
C SER B 163 -9.19 12.05 -1.67
N HIS B 164 -7.90 11.94 -2.06
CA HIS B 164 -7.37 10.77 -2.76
C HIS B 164 -6.61 9.83 -1.81
N LEU B 165 -7.15 9.61 -0.60
CA LEU B 165 -6.56 8.74 0.40
C LEU B 165 -6.71 7.25 0.04
N PHE B 166 -7.93 6.85 -0.39
CA PHE B 166 -8.24 5.46 -0.72
C PHE B 166 -8.15 5.19 -2.22
N ASP B 167 -7.59 6.13 -2.98
CA ASP B 167 -7.40 6.01 -4.43
C ASP B 167 -6.55 4.78 -4.74
N ASP B 168 -6.98 4.00 -5.74
CA ASP B 168 -6.34 2.78 -6.26
C ASP B 168 -6.43 1.57 -5.27
N LEU B 169 -7.11 1.73 -4.12
CA LEU B 169 -7.31 0.66 -3.13
C LEU B 169 -8.68 0.01 -3.34
N GLU B 170 -8.73 -1.35 -3.28
CA GLU B 170 -9.97 -2.09 -3.52
C GLU B 170 -10.26 -3.20 -2.49
N ASN B 171 -9.23 -3.69 -1.78
CA ASN B 171 -9.35 -4.79 -0.82
C ASN B 171 -9.95 -4.39 0.54
N LEU B 172 -10.08 -3.08 0.83
CA LEU B 172 -10.59 -2.57 2.11
C LEU B 172 -12.03 -3.00 2.40
N GLU B 173 -12.21 -3.64 3.56
CA GLU B 173 -13.47 -4.17 4.08
C GLU B 173 -13.94 -3.37 5.29
N SER B 174 -12.98 -2.91 6.13
CA SER B 174 -13.30 -2.16 7.33
C SER B 174 -12.44 -0.90 7.47
N ILE B 175 -13.12 0.25 7.58
CA ILE B 175 -12.51 1.57 7.79
C ILE B 175 -13.04 2.10 9.12
N GLU B 176 -12.14 2.29 10.08
CA GLU B 176 -12.52 2.80 11.41
C GLU B 176 -11.81 4.12 11.65
N PHE B 177 -12.58 5.22 11.58
CA PHE B 177 -12.11 6.59 11.79
C PHE B 177 -12.80 7.22 13.02
N GLY B 178 -13.29 6.37 13.91
CA GLY B 178 -13.91 6.79 15.15
C GLY B 178 -12.93 7.38 16.12
N SER B 179 -13.42 8.21 17.06
CA SER B 179 -12.66 8.90 18.11
C SER B 179 -11.56 9.84 17.55
N ASN B 180 -11.77 10.38 16.34
CA ASN B 180 -10.89 11.39 15.74
C ASN B 180 -11.60 12.74 15.89
N LYS B 181 -11.19 13.77 15.12
CA LYS B 181 -11.84 15.08 15.21
C LYS B 181 -12.17 15.60 13.81
N LEU B 182 -12.64 14.69 12.93
CA LEU B 182 -12.98 14.97 11.54
C LEU B 182 -14.11 15.97 11.46
N ARG B 183 -13.83 17.15 10.86
CA ARG B 183 -14.77 18.26 10.71
C ARG B 183 -15.56 18.11 9.43
N GLN B 184 -14.86 17.75 8.32
CA GLN B 184 -15.43 17.61 6.99
C GLN B 184 -14.97 16.33 6.31
N MET B 185 -15.84 15.78 5.46
CA MET B 185 -15.56 14.62 4.63
C MET B 185 -15.45 15.07 3.17
N PRO B 186 -14.36 14.75 2.44
CA PRO B 186 -14.28 15.20 1.04
C PRO B 186 -15.22 14.39 0.13
N ARG B 187 -15.71 15.00 -0.96
CA ARG B 187 -16.60 14.30 -1.88
C ARG B 187 -15.81 13.30 -2.71
N GLY B 188 -16.27 12.04 -2.69
CA GLY B 188 -15.65 10.94 -3.42
C GLY B 188 -14.57 10.19 -2.67
N ILE B 189 -14.54 10.34 -1.32
CA ILE B 189 -13.57 9.64 -0.46
C ILE B 189 -13.91 8.13 -0.46
N PHE B 190 -15.21 7.79 -0.53
CA PHE B 190 -15.70 6.41 -0.56
C PHE B 190 -16.38 6.12 -1.92
N GLY B 191 -15.65 6.36 -3.00
CA GLY B 191 -16.13 6.12 -4.36
C GLY B 191 -16.10 4.65 -4.71
N LYS B 192 -14.99 4.20 -5.31
CA LYS B 192 -14.78 2.80 -5.70
C LYS B 192 -14.47 1.95 -4.45
N MET B 193 -15.53 1.48 -3.77
CA MET B 193 -15.42 0.65 -2.56
C MET B 193 -16.39 -0.55 -2.65
N PRO B 194 -16.12 -1.56 -3.52
CA PRO B 194 -17.06 -2.69 -3.64
C PRO B 194 -16.81 -3.81 -2.60
N LYS B 195 -15.82 -3.65 -1.71
CA LYS B 195 -15.49 -4.65 -0.69
C LYS B 195 -15.72 -4.13 0.74
N LEU B 196 -15.93 -2.79 0.90
CA LEU B 196 -16.16 -2.16 2.19
C LEU B 196 -17.48 -2.62 2.83
N LYS B 197 -17.38 -3.32 3.97
CA LYS B 197 -18.49 -3.87 4.73
C LYS B 197 -18.81 -3.03 5.97
N GLN B 198 -17.77 -2.57 6.69
CA GLN B 198 -17.95 -1.80 7.92
C GLN B 198 -17.26 -0.44 7.82
N LEU B 199 -17.98 0.63 8.17
CA LEU B 199 -17.44 1.99 8.16
C LEU B 199 -17.81 2.71 9.47
N ASN B 200 -16.79 3.14 10.23
CA ASN B 200 -17.00 3.85 11.48
C ASN B 200 -16.51 5.28 11.37
N LEU B 201 -17.43 6.25 11.50
CA LEU B 201 -17.16 7.69 11.48
C LEU B 201 -17.73 8.34 12.74
N ALA B 202 -17.97 7.52 13.77
CA ALA B 202 -18.53 7.94 15.06
C ALA B 202 -17.51 8.71 15.92
N SER B 203 -18.00 9.41 16.96
CA SER B 203 -17.24 10.20 17.93
C SER B 203 -16.31 11.24 17.25
N ASN B 204 -16.76 11.82 16.12
CA ASN B 204 -16.01 12.82 15.39
C ASN B 204 -16.63 14.23 15.57
N GLN B 205 -16.25 15.20 14.71
CA GLN B 205 -16.73 16.58 14.76
C GLN B 205 -17.48 16.94 13.47
N LEU B 206 -18.13 15.94 12.84
CA LEU B 206 -18.84 16.12 11.57
C LEU B 206 -20.20 16.77 11.75
N LYS B 207 -20.43 17.86 11.00
CA LYS B 207 -21.68 18.61 11.00
C LYS B 207 -22.53 18.20 9.79
N SER B 208 -21.87 17.75 8.71
CA SER B 208 -22.52 17.33 7.48
C SER B 208 -21.66 16.31 6.70
N VAL B 209 -22.26 15.74 5.65
CA VAL B 209 -21.60 14.81 4.73
C VAL B 209 -21.97 15.25 3.30
N PRO B 210 -20.99 15.35 2.35
CA PRO B 210 -21.35 15.76 0.99
C PRO B 210 -22.30 14.75 0.34
N ASP B 211 -23.32 15.24 -0.40
CA ASP B 211 -24.35 14.42 -1.04
C ASP B 211 -23.75 13.27 -1.87
N GLY B 212 -24.33 12.08 -1.70
CA GLY B 212 -23.93 10.87 -2.42
C GLY B 212 -22.64 10.23 -1.98
N ILE B 213 -22.19 10.54 -0.74
CA ILE B 213 -20.95 10.02 -0.14
C ILE B 213 -21.00 8.49 0.07
N PHE B 214 -22.20 7.95 0.37
CA PHE B 214 -22.39 6.52 0.66
C PHE B 214 -23.20 5.79 -0.42
N ASP B 215 -23.53 6.46 -1.54
CA ASP B 215 -24.33 5.91 -2.63
C ASP B 215 -23.62 4.81 -3.43
N ARG B 216 -22.28 4.74 -3.39
CA ARG B 216 -21.51 3.72 -4.12
C ARG B 216 -21.07 2.56 -3.19
N LEU B 217 -21.42 2.63 -1.89
CA LEU B 217 -21.10 1.60 -0.88
C LEU B 217 -22.16 0.49 -0.93
N THR B 218 -22.08 -0.35 -1.99
CA THR B 218 -23.02 -1.45 -2.26
C THR B 218 -22.81 -2.66 -1.33
N SER B 219 -21.59 -2.84 -0.78
CA SER B 219 -21.26 -3.96 0.10
C SER B 219 -21.31 -3.58 1.58
N LEU B 220 -21.72 -2.34 1.90
CA LEU B 220 -21.82 -1.82 3.27
C LEU B 220 -22.87 -2.57 4.08
N GLN B 221 -22.45 -3.12 5.22
CA GLN B 221 -23.29 -3.90 6.15
C GLN B 221 -23.49 -3.15 7.47
N LYS B 222 -22.46 -2.45 7.94
CA LYS B 222 -22.46 -1.70 9.20
C LYS B 222 -21.89 -0.30 9.01
N ILE B 223 -22.54 0.71 9.62
CA ILE B 223 -22.08 2.10 9.55
C ILE B 223 -22.34 2.81 10.90
N TRP B 224 -21.28 3.48 11.42
CA TRP B 224 -21.33 4.24 12.67
C TRP B 224 -21.21 5.72 12.35
N LEU B 225 -22.22 6.50 12.69
CA LEU B 225 -22.24 7.95 12.45
C LEU B 225 -22.64 8.71 13.72
N HIS B 226 -22.92 7.99 14.82
CA HIS B 226 -23.33 8.52 16.12
C HIS B 226 -22.21 9.36 16.78
N THR B 227 -22.55 10.10 17.85
CA THR B 227 -21.67 10.99 18.64
C THR B 227 -21.00 12.02 17.71
N ASN B 228 -21.79 12.67 16.84
CA ASN B 228 -21.35 13.69 15.90
C ASN B 228 -22.28 14.91 15.92
N PRO B 229 -21.74 16.16 15.90
CA PRO B 229 -22.62 17.33 15.94
C PRO B 229 -23.30 17.64 14.60
N TRP B 230 -24.14 16.70 14.12
CA TRP B 230 -24.86 16.78 12.86
C TRP B 230 -25.82 17.97 12.82
N ASP B 231 -25.59 18.91 11.87
CA ASP B 231 -26.46 20.05 11.65
C ASP B 231 -27.69 19.56 10.90
N CYS B 232 -28.81 19.36 11.64
CA CYS B 232 -30.06 18.86 11.09
C CYS B 232 -30.91 19.95 10.42
N SER B 233 -30.29 21.07 10.01
CA SER B 233 -30.98 22.13 9.29
C SER B 233 -31.21 21.70 7.84
N CYS B 234 -32.40 21.95 7.31
CA CYS B 234 -32.73 21.59 5.94
C CYS B 234 -32.35 22.74 4.99
N PRO B 235 -31.82 22.47 3.77
CA PRO B 235 -31.64 21.16 3.10
C PRO B 235 -30.35 20.40 3.41
N ARG B 236 -29.41 21.00 4.17
CA ARG B 236 -28.10 20.40 4.48
C ARG B 236 -28.17 18.91 4.88
N ILE B 237 -29.14 18.54 5.74
CA ILE B 237 -29.30 17.18 6.25
C ILE B 237 -30.12 16.25 5.33
N ASP B 238 -30.85 16.79 4.32
CA ASP B 238 -31.73 16.03 3.44
C ASP B 238 -31.15 14.68 2.96
N TYR B 239 -29.91 14.65 2.42
CA TYR B 239 -29.30 13.41 1.94
C TYR B 239 -29.11 12.39 3.08
N LEU B 240 -28.34 12.75 4.13
CA LEU B 240 -28.02 11.87 5.27
C LEU B 240 -29.30 11.37 5.98
N SER B 241 -30.28 12.25 6.25
CA SER B 241 -31.56 11.91 6.88
C SER B 241 -32.35 10.90 6.04
N ARG B 242 -32.33 11.05 4.70
CA ARG B 242 -33.01 10.13 3.78
C ARG B 242 -32.24 8.82 3.64
N TRP B 243 -30.88 8.90 3.60
CA TRP B 243 -30.02 7.73 3.47
C TRP B 243 -30.09 6.86 4.72
N LEU B 244 -30.02 7.47 5.92
CA LEU B 244 -30.06 6.75 7.19
C LEU B 244 -31.44 6.12 7.45
N ASN B 245 -32.51 6.71 6.90
CA ASN B 245 -33.85 6.15 7.02
C ASN B 245 -33.96 4.91 6.12
N LYS B 246 -33.46 5.01 4.87
CA LYS B 246 -33.45 3.95 3.85
C LYS B 246 -32.45 2.82 4.22
N ASN B 247 -31.40 3.15 5.00
CA ASN B 247 -30.38 2.19 5.40
C ASN B 247 -30.21 2.18 6.93
N SER B 248 -31.36 2.10 7.65
CA SER B 248 -31.46 2.07 9.12
C SER B 248 -30.86 0.79 9.71
N GLN B 249 -31.02 -0.34 9.01
CA GLN B 249 -30.52 -1.66 9.38
C GLN B 249 -28.98 -1.66 9.38
N LYS B 250 -28.37 -0.88 8.47
CA LYS B 250 -26.93 -0.73 8.35
C LYS B 250 -26.39 0.16 9.47
N GLU B 251 -27.16 1.18 9.91
CA GLU B 251 -26.74 2.12 10.93
C GLU B 251 -26.63 1.46 12.31
N GLN B 252 -25.42 1.51 12.87
CA GLN B 252 -25.10 0.99 14.20
C GLN B 252 -25.07 2.18 15.15
N GLY B 253 -25.92 2.11 16.16
CA GLY B 253 -26.08 3.19 17.13
C GLY B 253 -27.14 4.15 16.65
N SER B 254 -27.09 5.40 17.11
CA SER B 254 -28.06 6.42 16.70
C SER B 254 -27.40 7.78 16.53
N ALA B 255 -27.31 8.25 15.27
CA ALA B 255 -26.76 9.57 14.96
C ALA B 255 -27.83 10.59 15.30
N LYS B 256 -27.50 11.52 16.21
CA LYS B 256 -28.46 12.52 16.69
C LYS B 256 -28.03 13.93 16.27
N CYS B 257 -29.03 14.84 16.18
CA CYS B 257 -28.86 16.24 15.76
C CYS B 257 -28.08 17.05 16.80
N SER B 258 -27.31 18.04 16.33
CA SER B 258 -26.47 18.92 17.16
C SER B 258 -27.28 19.80 18.13
N GLY B 259 -28.57 19.99 17.84
CA GLY B 259 -29.43 20.82 18.68
C GLY B 259 -30.40 20.02 19.53
N SER B 260 -31.47 19.53 18.89
CA SER B 260 -32.56 18.77 19.50
C SER B 260 -32.13 17.39 20.04
N GLY B 261 -31.16 16.76 19.40
CA GLY B 261 -30.70 15.44 19.79
C GLY B 261 -31.60 14.32 19.31
N LYS B 262 -32.43 14.61 18.28
CA LYS B 262 -33.35 13.68 17.65
C LYS B 262 -32.60 12.83 16.62
N PRO B 263 -32.96 11.54 16.38
CA PRO B 263 -32.22 10.74 15.40
C PRO B 263 -32.27 11.36 13.99
N VAL B 264 -31.09 11.49 13.36
CA VAL B 264 -30.91 12.08 12.03
C VAL B 264 -31.82 11.37 11.01
N ARG B 265 -31.91 10.02 11.08
CA ARG B 265 -32.75 9.20 10.21
C ARG B 265 -34.25 9.59 10.27
N SER B 266 -34.71 10.09 11.43
CA SER B 266 -36.11 10.47 11.64
C SER B 266 -36.43 11.88 11.12
N ILE B 267 -35.41 12.69 10.81
CA ILE B 267 -35.59 14.06 10.29
C ILE B 267 -36.14 14.01 8.86
N ILE B 268 -37.27 14.71 8.62
CA ILE B 268 -37.89 14.78 7.29
C ILE B 268 -37.89 16.27 6.87
N CYS B 269 -37.14 16.56 5.81
CA CYS B 269 -37.02 17.92 5.28
C CYS B 269 -38.29 18.32 4.53
N PRO B 270 -38.93 19.44 4.90
CA PRO B 270 -40.17 19.84 4.20
C PRO B 270 -39.88 20.37 2.80
N THR B 271 -40.85 20.21 1.89
CA THR B 271 -40.74 20.66 0.50
C THR B 271 -40.75 22.19 0.43
N THR B 272 -41.48 22.86 1.34
CA THR B 272 -41.59 24.32 1.41
C THR B 272 -41.90 24.78 2.85
#